data_4MZN
#
_entry.id   4MZN
#
_cell.length_a   92.493
_cell.length_b   92.493
_cell.length_c   131.183
_cell.angle_alpha   90.00
_cell.angle_beta   90.00
_cell.angle_gamma   120.00
#
_symmetry.space_group_name_H-M   'P 61 2 2'
#
loop_
_entity.id
_entity.type
_entity.pdbx_description
1 polymer Thermolysin
2 non-polymer 'ZINC ION'
3 non-polymer 'CALCIUM ION'
4 non-polymer GLYCEROL
5 non-polymer 'DIMETHYL SULFOXIDE'
6 non-polymer 'P-((((benzyloxy)carbonyl)amino)methyl)-N-((S)-4-methyl-1-(((S)-2-methylbutyl)amino)-1-oxopentan- 2-yl)phosphonamidic acid'
7 water water
#
_entity_poly.entity_id   1
_entity_poly.type   'polypeptide(L)'
_entity_poly.pdbx_seq_one_letter_code
;ITGTSTVGVGRGVLGDQKNINTTYSTYYYLQDNTRGNGIFTYDAKYRTTLPGSLWADADNQFFASYDAPAVDAHYYAGVT
YDYYKNVHNRLSYDGNNAAIRSSVHYSQGYNNAFWNGSQMVYGDGDGQTFIPLSGGIDVVAHELTHAVTDYTAGLIYQNE
SGAINEAISDIFGTLVEFYANKNPDWEIGEDVYTPGISGDSLRSMSDPAKYGDPDHYSKRYTGTQDNGGVHINSGIINKA
AYLISQGGTHYGVSVVGIGRDKLGKIFYRALTQYLTPTSNFSQLRAAAVQSATDLYGSTSQEVASVKQAFDAVGVK
;
_entity_poly.pdbx_strand_id   E
#
loop_
_chem_comp.id
_chem_comp.type
_chem_comp.name
_chem_comp.formula
2G9 peptide-like 'P-((((benzyloxy)carbonyl)amino)methyl)-N-((S)-4-methyl-1-(((S)-2-methylbutyl)amino)-1-oxopentan- 2-yl)phosphonamidic acid' 'C20 H34 N3 O5 P'
CA non-polymer 'CALCIUM ION' 'Ca 2'
DMS non-polymer 'DIMETHYL SULFOXIDE' 'C2 H6 O S'
GOL non-polymer GLYCEROL 'C3 H8 O3'
ZN non-polymer 'ZINC ION' 'Zn 2'
#
# COMPACT_ATOMS: atom_id res chain seq x y z
N ILE A 1 -8.69 18.05 -16.34
CA ILE A 1 -8.86 19.19 -17.24
C ILE A 1 -8.42 18.82 -18.65
N THR A 2 -8.93 19.56 -19.62
CA THR A 2 -8.55 19.35 -21.01
C THR A 2 -7.25 20.09 -21.29
N GLY A 3 -6.27 19.39 -21.85
CA GLY A 3 -5.00 20.00 -22.16
C GLY A 3 -4.12 19.01 -22.87
N THR A 4 -2.83 19.30 -22.94
CA THR A 4 -1.91 18.40 -23.63
C THR A 4 -0.96 17.77 -22.61
N SER A 5 -0.63 16.51 -22.84
CA SER A 5 0.23 15.79 -21.92
C SER A 5 1.66 16.27 -21.99
N THR A 6 2.23 16.49 -20.82
CA THR A 6 3.56 17.07 -20.69
C THR A 6 4.35 16.27 -19.66
N VAL A 7 5.65 16.55 -19.56
CA VAL A 7 6.51 15.86 -18.61
C VAL A 7 7.26 16.89 -17.79
N GLY A 8 6.94 16.95 -16.51
CA GLY A 8 7.62 17.83 -15.59
C GLY A 8 8.72 17.11 -14.85
N VAL A 9 9.46 17.85 -14.04
N VAL A 9 9.47 17.87 -14.06
CA VAL A 9 10.53 17.27 -13.26
CA VAL A 9 10.59 17.34 -13.29
C VAL A 9 10.52 17.92 -11.89
C VAL A 9 10.53 17.93 -11.89
N GLY A 10 10.84 17.14 -10.88
CA GLY A 10 10.86 17.66 -9.53
C GLY A 10 11.59 16.77 -8.57
N ARG A 11 11.49 17.12 -7.29
N ARG A 11 11.39 17.07 -7.29
CA ARG A 11 12.11 16.32 -6.23
CA ARG A 11 12.08 16.38 -6.21
C ARG A 11 11.06 15.86 -5.25
C ARG A 11 11.05 15.86 -5.22
N GLY A 12 11.19 14.61 -4.82
CA GLY A 12 10.28 14.02 -3.87
C GLY A 12 10.69 14.32 -2.42
N VAL A 13 9.93 13.75 -1.50
CA VAL A 13 10.10 13.98 -0.08
C VAL A 13 11.51 13.66 0.42
N LEU A 14 12.11 12.63 -0.15
N LEU A 14 12.12 12.63 -0.14
CA LEU A 14 13.45 12.20 0.26
CA LEU A 14 13.45 12.22 0.27
C LEU A 14 14.57 12.90 -0.52
C LEU A 14 14.57 12.90 -0.51
N GLY A 15 14.20 13.84 -1.37
CA GLY A 15 15.21 14.64 -2.08
C GLY A 15 15.65 14.07 -3.41
N ASP A 16 14.97 13.05 -3.88
CA ASP A 16 15.30 12.40 -5.15
C ASP A 16 14.58 13.05 -6.33
N GLN A 17 15.28 13.22 -7.44
CA GLN A 17 14.70 13.81 -8.63
C GLN A 17 13.95 12.78 -9.44
N LYS A 18 12.77 13.15 -9.93
CA LYS A 18 12.03 12.26 -10.83
C LYS A 18 11.21 13.06 -11.82
N ASN A 19 10.90 12.42 -12.95
CA ASN A 19 10.00 12.99 -13.92
C ASN A 19 8.57 12.63 -13.55
N ILE A 20 7.65 13.55 -13.83
N ILE A 20 7.65 13.54 -13.82
CA ILE A 20 6.23 13.33 -13.56
CA ILE A 20 6.24 13.27 -13.58
C ILE A 20 5.40 13.70 -14.79
C ILE A 20 5.40 13.69 -14.78
N ASN A 21 4.34 12.94 -15.00
CA ASN A 21 3.40 13.22 -16.09
C ASN A 21 2.42 14.29 -15.68
N THR A 22 2.39 15.37 -16.45
CA THR A 22 1.56 16.52 -16.15
C THR A 22 0.67 16.84 -17.36
N THR A 23 -0.18 17.85 -17.21
CA THR A 23 -1.05 18.32 -18.28
C THR A 23 -0.96 19.83 -18.35
N TYR A 24 -0.74 20.35 -19.56
CA TYR A 24 -0.63 21.79 -19.74
C TYR A 24 -1.90 22.38 -20.32
N SER A 25 -2.43 23.38 -19.60
CA SER A 25 -3.48 24.26 -20.09
C SER A 25 -3.43 25.49 -19.20
N THR A 26 -2.71 26.51 -19.69
CA THR A 26 -2.37 27.72 -18.92
C THR A 26 -1.36 27.44 -17.80
N TYR A 27 -1.73 26.55 -16.88
CA TYR A 27 -0.81 26.00 -15.89
C TYR A 27 -0.43 24.58 -16.26
N TYR A 28 0.60 24.07 -15.60
CA TYR A 28 0.92 22.65 -15.61
C TYR A 28 0.28 22.00 -14.40
N TYR A 29 -0.58 21.01 -14.64
CA TYR A 29 -1.31 20.35 -13.58
C TYR A 29 -0.76 18.96 -13.32
N LEU A 30 -0.83 18.52 -12.06
CA LEU A 30 -0.51 17.13 -11.74
C LEU A 30 -1.68 16.24 -12.17
N GLN A 31 -1.69 15.98 -13.48
CA GLN A 31 -2.68 15.16 -14.13
C GLN A 31 -1.91 14.33 -15.16
N ASP A 32 -1.81 13.03 -14.88
CA ASP A 32 -1.09 12.07 -15.72
C ASP A 32 -2.11 11.38 -16.62
N ASN A 33 -2.07 11.68 -17.92
CA ASN A 33 -3.02 11.11 -18.86
C ASN A 33 -2.56 9.78 -19.44
N THR A 34 -1.37 9.34 -19.05
CA THR A 34 -0.76 8.17 -19.68
C THR A 34 -1.27 6.86 -19.09
N ARG A 35 -2.01 6.95 -17.99
CA ARG A 35 -2.48 5.77 -17.27
C ARG A 35 -3.98 5.83 -17.09
N GLY A 36 -4.68 4.86 -17.69
CA GLY A 36 -6.12 4.75 -17.53
C GLY A 36 -6.85 6.03 -17.88
N ASN A 37 -7.80 6.40 -17.03
CA ASN A 37 -8.50 7.66 -17.19
C ASN A 37 -7.91 8.76 -16.30
N GLY A 38 -6.63 8.62 -16.02
CA GLY A 38 -5.86 9.67 -15.39
C GLY A 38 -5.53 9.42 -13.93
N ILE A 39 -4.42 10.04 -13.53
CA ILE A 39 -4.02 10.13 -12.12
C ILE A 39 -3.95 11.63 -11.84
N PHE A 40 -4.65 12.05 -10.78
CA PHE A 40 -4.85 13.45 -10.46
C PHE A 40 -4.42 13.69 -9.02
N THR A 41 -3.58 14.71 -8.81
CA THR A 41 -3.08 15.00 -7.47
C THR A 41 -3.46 16.44 -7.09
N TYR A 42 -3.97 16.57 -5.87
CA TYR A 42 -4.61 17.79 -5.37
C TYR A 42 -3.89 18.35 -4.15
N ASP A 43 -4.02 19.67 -3.96
CA ASP A 43 -3.49 20.37 -2.79
C ASP A 43 -4.64 20.58 -1.79
N ALA A 44 -4.53 19.97 -0.61
CA ALA A 44 -5.51 20.21 0.45
C ALA A 44 -5.14 21.42 1.34
N LYS A 45 -3.96 22.00 1.13
CA LYS A 45 -3.60 23.31 1.70
C LYS A 45 -3.70 23.37 3.22
N TYR A 46 -3.34 22.27 3.87
CA TYR A 46 -3.36 22.13 5.33
C TYR A 46 -4.75 22.09 5.92
N ARG A 47 -5.77 22.01 5.08
CA ARG A 47 -7.12 21.92 5.58
C ARG A 47 -7.67 20.51 5.37
N THR A 48 -8.94 20.30 5.70
CA THR A 48 -9.52 18.96 5.69
C THR A 48 -10.68 18.82 4.71
N THR A 49 -10.92 19.88 3.95
N THR A 49 -10.92 19.87 3.92
CA THR A 49 -11.86 19.83 2.85
CA THR A 49 -11.93 19.81 2.89
C THR A 49 -11.21 19.05 1.72
C THR A 49 -11.32 19.19 1.63
N LEU A 50 -11.96 18.14 1.12
CA LEU A 50 -11.41 17.28 0.07
C LEU A 50 -12.23 17.37 -1.21
N PRO A 51 -11.57 17.25 -2.37
CA PRO A 51 -10.13 16.96 -2.53
C PRO A 51 -9.21 18.17 -2.41
N GLY A 52 -9.75 19.38 -2.40
CA GLY A 52 -8.91 20.56 -2.52
C GLY A 52 -8.80 20.92 -3.99
N SER A 53 -7.69 21.54 -4.36
N SER A 53 -7.73 21.61 -4.37
CA SER A 53 -7.52 22.04 -5.72
CA SER A 53 -7.60 22.06 -5.76
C SER A 53 -6.58 21.16 -6.52
C SER A 53 -6.58 21.25 -6.54
N LEU A 54 -6.91 20.92 -7.79
CA LEU A 54 -6.02 20.17 -8.64
C LEU A 54 -4.68 20.90 -8.69
N TRP A 55 -3.58 20.19 -8.48
CA TRP A 55 -2.30 20.84 -8.27
C TRP A 55 -1.85 21.57 -9.53
N ALA A 56 -1.67 22.89 -9.42
CA ALA A 56 -1.29 23.73 -10.54
C ALA A 56 0.10 24.32 -10.29
N ASP A 57 0.91 24.36 -11.34
CA ASP A 57 2.26 24.87 -11.25
C ASP A 57 2.60 25.69 -12.51
N ALA A 58 3.27 26.82 -12.32
CA ALA A 58 3.51 27.74 -13.43
C ALA A 58 4.51 27.23 -14.47
N ASP A 59 5.52 26.47 -14.05
CA ASP A 59 6.64 26.18 -14.93
C ASP A 59 6.97 24.71 -15.16
N ASN A 60 6.18 23.79 -14.60
CA ASN A 60 6.41 22.34 -14.80
C ASN A 60 7.67 21.84 -14.08
N GLN A 61 8.19 22.65 -13.15
N GLN A 61 8.19 22.63 -13.15
CA GLN A 61 9.32 22.27 -12.31
CA GLN A 61 9.32 22.25 -12.32
C GLN A 61 8.81 22.18 -10.87
C GLN A 61 8.84 22.20 -10.87
N PHE A 62 9.11 21.09 -10.19
CA PHE A 62 8.52 20.84 -8.88
C PHE A 62 9.59 20.58 -7.82
N PHE A 63 10.43 21.58 -7.60
CA PHE A 63 11.56 21.45 -6.68
C PHE A 63 11.37 22.20 -5.36
N ALA A 64 10.23 22.83 -5.16
CA ALA A 64 9.98 23.51 -3.89
C ALA A 64 9.67 22.50 -2.81
N SER A 65 10.00 22.83 -1.57
N SER A 65 9.99 22.83 -1.56
CA SER A 65 9.69 21.94 -0.46
CA SER A 65 9.70 21.92 -0.46
C SER A 65 8.21 21.59 -0.44
C SER A 65 8.20 21.61 -0.36
N TYR A 66 7.37 22.60 -0.67
CA TYR A 66 5.91 22.40 -0.66
C TYR A 66 5.46 21.40 -1.74
N ASP A 67 6.24 21.30 -2.82
CA ASP A 67 5.89 20.43 -3.93
C ASP A 67 6.16 18.94 -3.64
N ALA A 68 7.12 18.67 -2.75
CA ALA A 68 7.65 17.32 -2.61
C ALA A 68 6.60 16.22 -2.33
N PRO A 69 5.66 16.45 -1.39
CA PRO A 69 4.67 15.40 -1.15
C PRO A 69 3.78 15.15 -2.36
N ALA A 70 3.52 16.19 -3.15
CA ALA A 70 2.70 16.04 -4.34
C ALA A 70 3.43 15.23 -5.42
N VAL A 71 4.70 15.54 -5.62
CA VAL A 71 5.52 14.80 -6.57
C VAL A 71 5.45 13.30 -6.28
N ASP A 72 5.66 12.92 -5.03
CA ASP A 72 5.69 11.51 -4.67
C ASP A 72 4.31 10.84 -4.70
N ALA A 73 3.27 11.52 -4.23
CA ALA A 73 1.94 10.95 -4.32
C ALA A 73 1.59 10.63 -5.76
N HIS A 74 1.93 11.56 -6.65
CA HIS A 74 1.60 11.45 -8.07
C HIS A 74 2.42 10.33 -8.71
N TYR A 75 3.73 10.37 -8.49
CA TYR A 75 4.63 9.40 -9.09
C TYR A 75 4.38 7.97 -8.58
N TYR A 76 4.23 7.82 -7.26
CA TYR A 76 4.04 6.48 -6.71
C TYR A 76 2.65 5.91 -7.03
N ALA A 77 1.66 6.78 -7.21
CA ALA A 77 0.38 6.29 -7.72
C ALA A 77 0.57 5.68 -9.11
N GLY A 78 1.41 6.29 -9.94
CA GLY A 78 1.72 5.75 -11.26
C GLY A 78 2.40 4.40 -11.18
N VAL A 79 3.37 4.25 -10.28
CA VAL A 79 4.04 2.97 -10.14
C VAL A 79 3.05 1.90 -9.70
N THR A 80 2.16 2.25 -8.78
CA THR A 80 1.17 1.30 -8.28
C THR A 80 0.19 0.89 -9.38
N TYR A 81 -0.25 1.86 -10.16
CA TYR A 81 -1.08 1.57 -11.33
C TYR A 81 -0.37 0.57 -12.24
N ASP A 82 0.91 0.83 -12.51
CA ASP A 82 1.68 -0.05 -13.40
C ASP A 82 1.79 -1.45 -12.83
N TYR A 83 2.03 -1.57 -11.53
CA TYR A 83 2.09 -2.88 -10.90
C TYR A 83 0.80 -3.65 -11.14
N TYR A 84 -0.34 -3.05 -10.81
CA TYR A 84 -1.59 -3.77 -10.95
C TYR A 84 -1.88 -4.14 -12.41
N LYS A 85 -1.59 -3.23 -13.34
CA LYS A 85 -1.85 -3.51 -14.74
C LYS A 85 -0.90 -4.57 -15.29
N ASN A 86 0.39 -4.37 -15.06
CA ASN A 86 1.41 -5.25 -15.66
C ASN A 86 1.48 -6.63 -15.02
N VAL A 87 1.27 -6.69 -13.71
CA VAL A 87 1.44 -7.94 -12.97
C VAL A 87 0.12 -8.71 -12.86
N HIS A 88 -0.98 -8.00 -12.67
CA HIS A 88 -2.27 -8.65 -12.41
C HIS A 88 -3.33 -8.41 -13.47
N ASN A 89 -2.98 -7.68 -14.53
CA ASN A 89 -3.93 -7.33 -15.58
C ASN A 89 -5.16 -6.63 -15.02
N ARG A 90 -4.94 -5.79 -14.01
CA ARG A 90 -6.03 -5.03 -13.42
C ARG A 90 -5.86 -3.56 -13.78
N LEU A 91 -6.92 -2.97 -14.32
CA LEU A 91 -6.90 -1.58 -14.79
C LEU A 91 -7.48 -0.66 -13.72
N SER A 92 -6.59 0.00 -12.98
CA SER A 92 -6.95 0.83 -11.84
C SER A 92 -7.66 0.05 -10.73
N TYR A 93 -8.16 0.77 -9.74
CA TYR A 93 -8.68 0.10 -8.55
C TYR A 93 -10.01 -0.59 -8.78
N ASP A 94 -10.79 -0.10 -9.73
CA ASP A 94 -12.10 -0.70 -10.03
C ASP A 94 -12.05 -1.71 -11.17
N GLY A 95 -10.89 -1.90 -11.78
CA GLY A 95 -10.77 -2.81 -12.92
C GLY A 95 -11.26 -2.22 -14.22
N ASN A 96 -11.71 -0.96 -14.20
CA ASN A 96 -12.21 -0.27 -15.39
C ASN A 96 -11.57 1.09 -15.58
N ASN A 97 -10.33 1.24 -15.11
CA ASN A 97 -9.58 2.47 -15.31
C ASN A 97 -10.19 3.70 -14.66
N ALA A 98 -10.80 3.55 -13.48
CA ALA A 98 -11.26 4.71 -12.72
C ALA A 98 -10.11 5.69 -12.53
N ALA A 99 -10.42 6.98 -12.63
CA ALA A 99 -9.47 8.03 -12.31
C ALA A 99 -8.98 7.86 -10.87
N ILE A 100 -7.68 8.01 -10.68
CA ILE A 100 -7.07 7.89 -9.36
C ILE A 100 -6.76 9.28 -8.82
N ARG A 101 -7.34 9.62 -7.68
CA ARG A 101 -7.20 10.95 -7.10
C ARG A 101 -6.53 10.87 -5.72
N SER A 102 -5.59 11.78 -5.48
CA SER A 102 -4.90 11.88 -4.20
C SER A 102 -4.84 13.33 -3.78
N SER A 103 -4.98 13.58 -2.48
CA SER A 103 -4.72 14.91 -1.92
C SER A 103 -3.57 14.86 -0.93
N VAL A 104 -2.69 15.85 -1.02
CA VAL A 104 -1.57 15.98 -0.07
C VAL A 104 -1.71 17.27 0.72
N HIS A 105 -0.85 17.44 1.72
CA HIS A 105 -0.96 18.54 2.68
C HIS A 105 -2.32 18.53 3.37
N TYR A 106 -2.81 17.34 3.72
CA TYR A 106 -4.06 17.22 4.45
C TYR A 106 -3.85 17.57 5.92
N SER A 107 -4.64 18.53 6.42
CA SER A 107 -4.63 18.94 7.82
C SER A 107 -3.25 19.47 8.22
N GLN A 108 -3.00 19.51 9.53
CA GLN A 108 -1.74 20.02 10.08
C GLN A 108 -1.14 18.97 11.00
N GLY A 109 0.14 18.67 10.79
CA GLY A 109 0.83 17.70 11.63
C GLY A 109 0.21 16.32 11.61
N TYR A 110 -0.37 15.96 10.47
CA TYR A 110 -1.26 14.79 10.41
C TYR A 110 -0.47 13.51 10.18
N ASN A 111 -0.42 12.64 11.19
CA ASN A 111 0.40 11.45 11.19
C ASN A 111 -0.34 10.23 10.63
N ASN A 112 -0.87 10.36 9.42
CA ASN A 112 -1.61 9.24 8.84
C ASN A 112 -1.87 9.52 7.37
N ALA A 113 -2.39 8.50 6.71
CA ALA A 113 -2.84 8.58 5.33
C ALA A 113 -3.99 7.60 5.21
N PHE A 114 -4.90 7.80 4.27
CA PHE A 114 -6.08 6.95 4.19
C PHE A 114 -6.75 7.00 2.83
N TRP A 115 -7.60 6.02 2.59
CA TRP A 115 -8.54 6.03 1.47
C TRP A 115 -9.89 6.40 2.06
N ASN A 116 -10.52 7.47 1.56
CA ASN A 116 -11.74 7.98 2.20
C ASN A 116 -13.04 7.45 1.60
N GLY A 117 -12.91 6.39 0.79
CA GLY A 117 -14.03 5.84 0.05
C GLY A 117 -14.02 6.25 -1.42
N SER A 118 -13.28 7.32 -1.73
CA SER A 118 -13.26 7.91 -3.08
C SER A 118 -11.88 8.33 -3.57
N GLN A 119 -10.92 8.53 -2.66
CA GLN A 119 -9.62 9.08 -3.02
C GLN A 119 -8.62 8.78 -1.91
N MET A 120 -7.34 8.93 -2.25
CA MET A 120 -6.26 8.82 -1.26
C MET A 120 -6.00 10.19 -0.64
N VAL A 121 -5.58 10.16 0.62
CA VAL A 121 -5.37 11.37 1.40
C VAL A 121 -4.09 11.19 2.22
N TYR A 122 -3.18 12.17 2.15
CA TYR A 122 -1.89 12.07 2.85
C TYR A 122 -1.64 13.25 3.75
N GLY A 123 -1.40 12.97 5.04
CA GLY A 123 -0.87 13.97 5.94
C GLY A 123 0.58 14.30 5.65
N ASP A 124 1.04 15.42 6.24
CA ASP A 124 2.45 15.80 6.18
C ASP A 124 3.26 15.21 7.32
N GLY A 125 2.59 14.62 8.30
CA GLY A 125 3.24 14.22 9.52
C GLY A 125 3.59 15.42 10.37
N ASP A 126 4.02 15.16 11.60
CA ASP A 126 4.42 16.25 12.50
C ASP A 126 5.93 16.46 12.53
N GLY A 127 6.66 15.73 11.68
CA GLY A 127 8.10 15.84 11.64
C GLY A 127 8.82 15.00 12.70
N GLN A 128 8.05 14.39 13.58
N GLN A 128 8.05 14.37 13.56
CA GLN A 128 8.61 13.54 14.63
CA GLN A 128 8.61 13.54 14.64
C GLN A 128 8.22 12.09 14.38
C GLN A 128 8.22 12.09 14.43
N THR A 129 6.92 11.81 14.34
CA THR A 129 6.45 10.46 14.07
C THR A 129 6.52 10.15 12.57
N PHE A 130 6.13 11.11 11.74
CA PHE A 130 6.21 10.96 10.29
C PHE A 130 6.71 12.24 9.63
N ILE A 131 7.35 12.06 8.47
CA ILE A 131 7.47 13.12 7.46
C ILE A 131 6.36 12.86 6.43
N PRO A 132 6.21 13.72 5.40
CA PRO A 132 5.02 13.55 4.55
C PRO A 132 4.88 12.14 3.99
N LEU A 133 3.70 11.55 4.21
CA LEU A 133 3.60 10.10 4.13
C LEU A 133 3.64 9.54 2.71
N SER A 134 3.37 10.39 1.73
CA SER A 134 3.49 9.97 0.33
C SER A 134 4.93 9.71 -0.09
N GLY A 135 5.89 10.03 0.78
CA GLY A 135 7.29 9.71 0.51
C GLY A 135 7.60 8.22 0.55
N GLY A 136 6.66 7.42 1.05
CA GLY A 136 6.85 5.98 1.10
C GLY A 136 6.07 5.29 -0.01
N ILE A 137 6.77 4.60 -0.90
CA ILE A 137 6.09 3.89 -1.98
C ILE A 137 5.18 2.79 -1.41
N ASP A 138 5.63 2.12 -0.36
CA ASP A 138 4.78 1.13 0.29
C ASP A 138 3.52 1.74 0.88
N VAL A 139 3.63 2.97 1.39
CA VAL A 139 2.49 3.69 1.93
C VAL A 139 1.49 4.03 0.82
N VAL A 140 1.97 4.60 -0.28
CA VAL A 140 1.08 4.95 -1.38
C VAL A 140 0.37 3.70 -1.90
N ALA A 141 1.13 2.62 -2.11
CA ALA A 141 0.52 1.40 -2.60
C ALA A 141 -0.42 0.77 -1.58
N HIS A 142 -0.11 0.90 -0.28
CA HIS A 142 -1.01 0.47 0.78
C HIS A 142 -2.37 1.18 0.64
N GLU A 143 -2.33 2.49 0.44
CA GLU A 143 -3.57 3.26 0.33
C GLU A 143 -4.38 2.88 -0.91
N LEU A 144 -3.72 2.79 -2.06
CA LEU A 144 -4.45 2.46 -3.28
C LEU A 144 -5.01 1.04 -3.19
N THR A 145 -4.30 0.17 -2.49
CA THR A 145 -4.78 -1.20 -2.32
C THR A 145 -6.08 -1.24 -1.50
N HIS A 146 -6.27 -0.31 -0.57
CA HIS A 146 -7.56 -0.24 0.12
C HIS A 146 -8.70 -0.05 -0.89
N ALA A 147 -8.47 0.78 -1.91
CA ALA A 147 -9.49 0.97 -2.96
C ALA A 147 -9.73 -0.34 -3.72
N VAL A 148 -8.66 -1.06 -4.06
CA VAL A 148 -8.80 -2.35 -4.71
C VAL A 148 -9.63 -3.32 -3.85
N THR A 149 -9.29 -3.42 -2.58
CA THR A 149 -10.04 -4.27 -1.67
C THR A 149 -11.52 -3.87 -1.64
N ASP A 150 -11.77 -2.57 -1.52
CA ASP A 150 -13.14 -2.12 -1.40
C ASP A 150 -13.99 -2.45 -2.64
N TYR A 151 -13.35 -2.47 -3.81
CA TYR A 151 -14.03 -2.81 -5.05
C TYR A 151 -14.14 -4.31 -5.29
N THR A 152 -13.42 -5.12 -4.53
CA THR A 152 -13.36 -6.55 -4.78
C THR A 152 -13.92 -7.29 -3.56
N ALA A 153 -13.06 -7.82 -2.70
CA ALA A 153 -13.54 -8.58 -1.54
C ALA A 153 -14.45 -7.77 -0.64
N GLY A 154 -14.15 -6.50 -0.46
CA GLY A 154 -14.99 -5.63 0.36
C GLY A 154 -14.89 -5.89 1.85
N LEU A 155 -13.75 -6.41 2.28
CA LEU A 155 -13.50 -6.77 3.68
C LEU A 155 -13.89 -5.65 4.64
N ILE A 156 -14.83 -5.94 5.53
CA ILE A 156 -15.33 -4.99 6.51
C ILE A 156 -14.17 -4.57 7.43
N TYR A 157 -14.07 -3.27 7.72
CA TYR A 157 -12.88 -2.74 8.38
C TYR A 157 -12.93 -2.86 9.91
N GLN A 158 -13.08 -4.09 10.41
CA GLN A 158 -13.02 -4.33 11.83
C GLN A 158 -12.73 -5.79 12.08
N ASN A 159 -12.15 -6.07 13.24
CA ASN A 159 -11.93 -7.45 13.66
C ASN A 159 -11.13 -8.26 12.63
N GLU A 160 -11.43 -9.54 12.44
CA GLU A 160 -10.56 -10.35 11.56
C GLU A 160 -10.62 -9.91 10.10
N SER A 161 -11.80 -9.62 9.58
CA SER A 161 -11.88 -9.18 8.19
C SER A 161 -11.08 -7.89 8.00
N GLY A 162 -11.11 -7.00 9.01
CA GLY A 162 -10.39 -5.75 8.94
C GLY A 162 -8.88 -5.93 9.01
N ALA A 163 -8.43 -6.90 9.80
CA ALA A 163 -7.01 -7.23 9.85
C ALA A 163 -6.54 -7.85 8.54
N ILE A 164 -7.39 -8.64 7.87
CA ILE A 164 -7.06 -9.13 6.54
C ILE A 164 -6.97 -7.95 5.56
N ASN A 165 -7.94 -7.05 5.63
CA ASN A 165 -7.94 -5.85 4.81
C ASN A 165 -6.60 -5.12 4.95
N GLU A 166 -6.19 -4.88 6.19
CA GLU A 166 -4.91 -4.24 6.47
C GLU A 166 -3.72 -5.01 5.91
N ALA A 167 -3.69 -6.32 6.16
CA ALA A 167 -2.57 -7.13 5.68
C ALA A 167 -2.49 -7.12 4.15
N ILE A 168 -3.64 -7.16 3.48
CA ILE A 168 -3.66 -7.08 2.02
C ILE A 168 -2.97 -5.79 1.56
N SER A 169 -3.29 -4.67 2.21
CA SER A 169 -2.63 -3.41 1.90
C SER A 169 -1.12 -3.42 2.20
N ASP A 170 -0.71 -4.05 3.30
CA ASP A 170 0.72 -4.15 3.59
C ASP A 170 1.44 -5.07 2.60
N ILE A 171 0.81 -6.19 2.25
CA ILE A 171 1.37 -7.16 1.32
C ILE A 171 1.58 -6.52 -0.05
N PHE A 172 0.53 -5.94 -0.62
CA PHE A 172 0.69 -5.31 -1.92
C PHE A 172 1.52 -4.03 -1.87
N GLY A 173 1.47 -3.31 -0.76
CA GLY A 173 2.37 -2.19 -0.59
C GLY A 173 3.83 -2.64 -0.73
N THR A 174 4.14 -3.74 -0.08
CA THR A 174 5.48 -4.32 -0.14
C THR A 174 5.81 -4.88 -1.53
N LEU A 175 4.87 -5.55 -2.15
CA LEU A 175 5.13 -6.07 -3.48
C LEU A 175 5.36 -4.94 -4.50
N VAL A 176 4.65 -3.83 -4.35
CA VAL A 176 4.91 -2.67 -5.20
C VAL A 176 6.28 -2.08 -4.92
N GLU A 177 6.67 -2.03 -3.65
CA GLU A 177 8.00 -1.56 -3.30
C GLU A 177 9.08 -2.43 -3.97
N PHE A 178 8.88 -3.75 -3.96
CA PHE A 178 9.83 -4.62 -4.66
C PHE A 178 9.78 -4.42 -6.18
N TYR A 179 8.58 -4.19 -6.71
CA TYR A 179 8.42 -3.93 -8.14
C TYR A 179 9.24 -2.73 -8.60
N ALA A 180 9.20 -1.65 -7.84
CA ALA A 180 10.00 -0.46 -8.15
C ALA A 180 11.49 -0.73 -7.89
N ASN A 181 11.78 -1.61 -6.94
CA ASN A 181 13.14 -2.09 -6.69
C ASN A 181 14.15 -1.04 -6.21
N LYS A 182 13.67 -0.11 -5.39
CA LYS A 182 14.54 0.84 -4.71
C LYS A 182 14.49 0.60 -3.20
N ASN A 183 15.60 0.14 -2.64
CA ASN A 183 15.68 -0.24 -1.23
C ASN A 183 14.48 -1.06 -0.74
N PRO A 184 14.13 -2.16 -1.45
CA PRO A 184 12.93 -2.86 -1.01
C PRO A 184 13.19 -3.69 0.23
N ASP A 185 12.13 -3.90 1.00
CA ASP A 185 12.20 -4.66 2.23
C ASP A 185 10.81 -5.15 2.60
N TRP A 186 10.74 -5.90 3.70
CA TRP A 186 9.47 -6.39 4.21
C TRP A 186 9.03 -5.59 5.45
N GLU A 187 9.46 -4.33 5.49
CA GLU A 187 9.04 -3.40 6.53
C GLU A 187 8.03 -2.44 5.93
N ILE A 188 7.21 -1.83 6.78
CA ILE A 188 6.19 -0.89 6.32
C ILE A 188 6.48 0.52 6.80
N GLY A 189 6.60 1.45 5.85
CA GLY A 189 6.68 2.86 6.17
C GLY A 189 8.03 3.39 6.59
N GLU A 190 9.06 2.57 6.46
CA GLU A 190 10.40 2.93 6.93
C GLU A 190 10.93 4.23 6.34
N ASP A 191 10.52 4.58 5.12
CA ASP A 191 11.06 5.77 4.47
C ASP A 191 10.52 7.07 5.03
N VAL A 192 9.37 7.01 5.72
CA VAL A 192 8.73 8.23 6.20
C VAL A 192 8.49 8.23 7.72
N TYR A 193 8.80 7.13 8.38
CA TYR A 193 8.57 6.99 9.81
C TYR A 193 9.76 7.47 10.63
N THR A 194 9.49 8.24 11.68
CA THR A 194 10.48 8.65 12.69
C THR A 194 11.82 9.07 12.10
N PRO A 195 11.87 10.27 11.49
CA PRO A 195 13.11 10.72 10.86
C PRO A 195 14.30 10.80 11.84
N GLY A 196 14.03 10.93 13.13
CA GLY A 196 15.09 10.98 14.12
C GLY A 196 15.62 9.62 14.59
N ILE A 197 15.01 8.55 14.10
CA ILE A 197 15.41 7.20 14.48
C ILE A 197 15.67 6.36 13.24
N SER A 198 16.91 5.90 13.07
N SER A 198 16.91 5.90 13.09
CA SER A 198 17.28 5.11 11.90
CA SER A 198 17.29 5.08 11.95
C SER A 198 17.11 3.61 12.13
C SER A 198 16.91 3.62 12.19
N GLY A 199 16.62 2.91 11.11
CA GLY A 199 16.51 1.47 11.15
C GLY A 199 15.20 0.89 11.65
N ASP A 200 14.25 1.75 11.96
CA ASP A 200 12.94 1.29 12.42
C ASP A 200 11.88 1.42 11.34
N SER A 201 10.65 1.06 11.70
N SER A 201 10.64 1.12 11.69
CA SER A 201 9.54 1.02 10.75
CA SER A 201 9.54 1.18 10.74
C SER A 201 8.25 1.13 11.55
C SER A 201 8.25 1.13 11.53
N LEU A 202 7.14 1.36 10.85
CA LEU A 202 5.84 1.37 11.50
C LEU A 202 5.39 -0.05 11.84
N ARG A 203 5.55 -0.96 10.88
CA ARG A 203 5.29 -2.39 11.07
C ARG A 203 6.40 -3.17 10.39
N SER A 204 6.56 -4.42 10.82
CA SER A 204 7.44 -5.36 10.15
C SER A 204 6.61 -6.57 9.73
N MET A 205 6.74 -6.99 8.47
CA MET A 205 6.09 -8.23 8.04
C MET A 205 6.96 -9.44 8.39
N SER A 206 8.27 -9.27 8.34
CA SER A 206 9.20 -10.36 8.59
C SER A 206 9.24 -10.73 10.07
N ASP A 207 9.05 -9.73 10.93
CA ASP A 207 9.03 -9.97 12.37
C ASP A 207 8.10 -8.97 13.02
N PRO A 208 6.77 -9.21 12.93
CA PRO A 208 5.81 -8.23 13.45
C PRO A 208 6.02 -7.93 14.93
N ALA A 209 6.51 -8.91 15.68
CA ALA A 209 6.65 -8.77 17.12
C ALA A 209 7.69 -7.74 17.52
N LYS A 210 8.55 -7.34 16.59
CA LYS A 210 9.54 -6.33 16.94
C LYS A 210 8.89 -5.01 17.32
N TYR A 211 7.66 -4.78 16.86
CA TYR A 211 6.91 -3.59 17.24
C TYR A 211 5.66 -3.94 18.07
N GLY A 212 5.68 -5.14 18.64
CA GLY A 212 4.60 -5.57 19.52
C GLY A 212 3.37 -6.12 18.82
N ASP A 213 3.44 -6.30 17.50
CA ASP A 213 2.32 -6.88 16.80
C ASP A 213 2.42 -8.40 16.83
N PRO A 214 1.27 -9.09 16.91
CA PRO A 214 1.27 -10.55 17.01
C PRO A 214 1.77 -11.23 15.75
N ASP A 215 2.46 -12.36 15.95
CA ASP A 215 2.98 -13.18 14.87
C ASP A 215 2.44 -14.60 14.97
N HIS A 216 1.36 -14.76 15.73
CA HIS A 216 0.71 -16.04 15.93
C HIS A 216 -0.72 -15.76 16.41
N TYR A 217 -1.66 -16.58 15.95
CA TYR A 217 -3.07 -16.40 16.27
C TYR A 217 -3.34 -16.41 17.78
N SER A 218 -2.54 -17.16 18.54
CA SER A 218 -2.71 -17.21 19.98
C SER A 218 -2.34 -15.90 20.67
N LYS A 219 -1.74 -14.97 19.93
CA LYS A 219 -1.37 -13.66 20.48
C LYS A 219 -2.24 -12.54 19.93
N ARG A 220 -3.34 -12.89 19.28
CA ARG A 220 -4.20 -11.89 18.67
C ARG A 220 -4.85 -10.98 19.72
N TYR A 221 -5.09 -9.75 19.31
CA TYR A 221 -5.78 -8.76 20.12
C TYR A 221 -7.28 -8.92 19.95
N THR A 222 -8.02 -8.88 21.05
CA THR A 222 -9.46 -9.08 20.99
C THR A 222 -10.24 -7.92 21.61
N GLY A 223 -9.55 -6.82 21.90
CA GLY A 223 -10.20 -5.64 22.45
C GLY A 223 -10.82 -4.79 21.36
N THR A 224 -11.22 -3.57 21.73
CA THR A 224 -11.98 -2.73 20.80
C THR A 224 -11.18 -1.59 20.15
N GLN A 225 -9.97 -1.33 20.63
N GLN A 225 -9.98 -1.31 20.63
CA GLN A 225 -9.12 -0.28 20.06
CA GLN A 225 -9.18 -0.24 20.05
C GLN A 225 -8.84 -0.57 18.60
C GLN A 225 -8.83 -0.56 18.61
N ASP A 226 -8.64 0.48 17.80
CA ASP A 226 -8.18 0.32 16.42
C ASP A 226 -9.12 -0.60 15.63
N ASN A 227 -10.43 -0.39 15.80
CA ASN A 227 -11.43 -1.21 15.10
C ASN A 227 -11.26 -2.70 15.37
N GLY A 228 -10.93 -3.03 16.61
CA GLY A 228 -10.67 -4.42 16.96
C GLY A 228 -9.29 -4.88 16.52
N GLY A 229 -8.33 -3.96 16.49
CA GLY A 229 -6.94 -4.29 16.22
C GLY A 229 -6.56 -4.50 14.77
N VAL A 230 -7.18 -3.78 13.84
CA VAL A 230 -6.91 -4.07 12.43
C VAL A 230 -5.44 -3.85 12.03
N HIS A 231 -4.79 -2.87 12.65
CA HIS A 231 -3.37 -2.60 12.36
C HIS A 231 -2.42 -3.41 13.25
N ILE A 232 -3.00 -4.24 14.12
CA ILE A 232 -2.26 -5.03 15.08
C ILE A 232 -2.30 -6.48 14.64
N ASN A 233 -3.51 -7.04 14.54
CA ASN A 233 -3.70 -8.41 14.10
C ASN A 233 -3.30 -8.66 12.65
N SER A 234 -3.13 -7.59 11.87
CA SER A 234 -2.57 -7.73 10.53
C SER A 234 -1.21 -8.43 10.58
N GLY A 235 -0.49 -8.31 11.70
CA GLY A 235 0.80 -8.95 11.83
C GLY A 235 0.77 -10.46 11.63
N ILE A 236 -0.35 -11.09 12.01
CA ILE A 236 -0.48 -12.54 11.90
C ILE A 236 -0.52 -12.96 10.42
N ILE A 237 -1.26 -12.20 9.62
CA ILE A 237 -1.36 -12.46 8.20
C ILE A 237 -0.11 -11.98 7.45
N ASN A 238 0.43 -10.83 7.85
CA ASN A 238 1.68 -10.36 7.27
C ASN A 238 2.80 -11.38 7.43
N LYS A 239 2.89 -11.98 8.62
CA LYS A 239 3.90 -13.01 8.88
C LYS A 239 3.66 -14.23 7.99
N ALA A 240 2.41 -14.65 7.86
CA ALA A 240 2.11 -15.79 6.99
C ALA A 240 2.54 -15.50 5.54
N ALA A 241 2.24 -14.31 5.06
CA ALA A 241 2.60 -13.92 3.70
C ALA A 241 4.12 -13.90 3.52
N TYR A 242 4.82 -13.31 4.50
CA TYR A 242 6.27 -13.28 4.47
C TYR A 242 6.82 -14.70 4.41
N LEU A 243 6.27 -15.61 5.21
CA LEU A 243 6.74 -17.00 5.20
C LEU A 243 6.47 -17.70 3.88
N ILE A 244 5.29 -17.49 3.29
CA ILE A 244 4.99 -18.07 1.99
C ILE A 244 6.04 -17.66 0.97
N SER A 245 6.40 -16.38 0.97
CA SER A 245 7.36 -15.87 0.01
C SER A 245 8.79 -16.30 0.32
N GLN A 246 9.22 -16.04 1.55
CA GLN A 246 10.64 -16.11 1.91
C GLN A 246 11.03 -17.38 2.63
N GLY A 247 10.04 -18.12 3.16
CA GLY A 247 10.31 -19.29 3.95
C GLY A 247 10.80 -18.97 5.35
N GLY A 248 10.96 -20.01 6.15
CA GLY A 248 11.52 -19.87 7.49
C GLY A 248 10.92 -20.91 8.41
N THR A 249 11.46 -21.01 9.62
CA THR A 249 10.88 -21.87 10.64
C THR A 249 10.42 -20.97 11.78
N HIS A 250 9.13 -21.05 12.10
CA HIS A 250 8.48 -20.11 12.99
C HIS A 250 7.65 -20.92 13.97
N TYR A 251 7.94 -20.72 15.26
CA TYR A 251 7.39 -21.56 16.33
C TYR A 251 7.53 -23.05 16.01
N GLY A 252 8.67 -23.40 15.42
CA GLY A 252 9.00 -24.79 15.13
C GLY A 252 8.44 -25.34 13.84
N VAL A 253 7.64 -24.55 13.12
CA VAL A 253 7.02 -24.99 11.87
C VAL A 253 7.80 -24.44 10.68
N SER A 254 8.31 -25.33 9.84
CA SER A 254 9.12 -24.93 8.70
C SER A 254 8.27 -24.69 7.47
N VAL A 255 8.56 -23.60 6.78
CA VAL A 255 7.84 -23.22 5.57
C VAL A 255 8.84 -23.09 4.44
N VAL A 256 8.55 -23.75 3.33
CA VAL A 256 9.38 -23.63 2.13
C VAL A 256 8.93 -22.41 1.33
N GLY A 257 9.80 -21.43 1.15
CA GLY A 257 9.43 -20.22 0.43
C GLY A 257 9.25 -20.45 -1.05
N ILE A 258 8.29 -19.75 -1.65
CA ILE A 258 8.00 -19.88 -3.07
C ILE A 258 8.23 -18.59 -3.85
N GLY A 259 8.61 -17.51 -3.16
CA GLY A 259 8.94 -16.27 -3.82
C GLY A 259 7.81 -15.26 -3.89
N ARG A 260 8.17 -14.01 -4.10
N ARG A 260 8.16 -14.00 -4.12
CA ARG A 260 7.23 -12.90 -4.08
CA ARG A 260 7.18 -12.93 -4.02
C ARG A 260 6.17 -12.98 -5.16
C ARG A 260 6.18 -12.87 -5.18
N ASP A 261 6.59 -13.32 -6.37
CA ASP A 261 5.66 -13.31 -7.50
C ASP A 261 4.51 -14.29 -7.26
N LYS A 262 4.84 -15.48 -6.78
CA LYS A 262 3.79 -16.46 -6.49
C LYS A 262 2.93 -16.04 -5.30
N LEU A 263 3.53 -15.46 -4.27
CA LEU A 263 2.75 -14.88 -3.18
C LEU A 263 1.72 -13.89 -3.74
N GLY A 264 2.17 -12.99 -4.60
CA GLY A 264 1.28 -11.99 -5.17
C GLY A 264 0.16 -12.60 -5.98
N LYS A 265 0.48 -13.62 -6.78
CA LYS A 265 -0.55 -14.26 -7.59
C LYS A 265 -1.60 -14.93 -6.70
N ILE A 266 -1.13 -15.64 -5.68
CA ILE A 266 -2.03 -16.34 -4.78
C ILE A 266 -2.94 -15.37 -4.03
N PHE A 267 -2.36 -14.32 -3.46
CA PHE A 267 -3.16 -13.38 -2.70
C PHE A 267 -4.06 -12.51 -3.57
N TYR A 268 -3.61 -12.18 -4.78
CA TYR A 268 -4.47 -11.42 -5.68
C TYR A 268 -5.69 -12.23 -6.06
N ARG A 269 -5.48 -13.52 -6.37
CA ARG A 269 -6.59 -14.38 -6.69
C ARG A 269 -7.53 -14.56 -5.50
N ALA A 270 -6.97 -14.75 -4.31
CA ALA A 270 -7.81 -14.88 -3.13
C ALA A 270 -8.67 -13.63 -2.93
N LEU A 271 -8.05 -12.47 -3.07
CA LEU A 271 -8.72 -11.20 -2.87
C LEU A 271 -9.87 -10.99 -3.84
N THR A 272 -9.65 -11.39 -5.09
CA THR A 272 -10.59 -11.07 -6.15
C THR A 272 -11.59 -12.17 -6.49
N GLN A 273 -11.31 -13.40 -6.08
N GLN A 273 -11.32 -13.40 -6.07
CA GLN A 273 -12.19 -14.52 -6.41
CA GLN A 273 -12.19 -14.52 -6.43
C GLN A 273 -12.88 -15.17 -5.22
C GLN A 273 -12.71 -15.37 -5.28
N TYR A 274 -12.23 -15.13 -4.06
CA TYR A 274 -12.67 -15.95 -2.94
C TYR A 274 -13.09 -15.19 -1.67
N LEU A 275 -12.36 -14.17 -1.29
CA LEU A 275 -12.68 -13.44 -0.05
C LEU A 275 -13.99 -12.68 -0.19
N THR A 276 -14.67 -12.51 0.94
CA THR A 276 -15.93 -11.77 0.97
C THR A 276 -15.85 -10.73 2.09
N PRO A 277 -16.88 -9.89 2.24
CA PRO A 277 -16.75 -8.82 3.25
C PRO A 277 -16.53 -9.33 4.67
N THR A 278 -17.01 -10.53 4.96
CA THR A 278 -16.96 -11.05 6.32
C THR A 278 -15.90 -12.13 6.53
N SER A 279 -15.02 -12.35 5.57
CA SER A 279 -14.01 -13.40 5.72
C SER A 279 -13.18 -13.25 6.98
N ASN A 280 -13.02 -14.35 7.71
CA ASN A 280 -12.12 -14.38 8.85
C ASN A 280 -10.79 -15.05 8.48
N PHE A 281 -9.88 -15.17 9.44
CA PHE A 281 -8.55 -15.70 9.13
C PHE A 281 -8.62 -17.14 8.59
N SER A 282 -9.46 -17.97 9.19
CA SER A 282 -9.61 -19.35 8.74
C SER A 282 -10.10 -19.39 7.29
N GLN A 283 -11.02 -18.50 6.96
CA GLN A 283 -11.53 -18.41 5.60
C GLN A 283 -10.49 -17.87 4.63
N LEU A 284 -9.62 -16.98 5.09
CA LEU A 284 -8.49 -16.54 4.27
C LEU A 284 -7.57 -17.72 3.96
N ARG A 285 -7.26 -18.54 4.96
CA ARG A 285 -6.43 -19.72 4.71
C ARG A 285 -7.05 -20.57 3.61
N ALA A 286 -8.36 -20.84 3.73
CA ALA A 286 -9.05 -21.65 2.72
C ALA A 286 -8.99 -21.00 1.34
N ALA A 287 -9.18 -19.69 1.29
CA ALA A 287 -9.11 -18.94 0.03
C ALA A 287 -7.73 -19.02 -0.60
N ALA A 288 -6.69 -18.89 0.22
CA ALA A 288 -5.32 -18.96 -0.27
C ALA A 288 -4.98 -20.36 -0.76
N VAL A 289 -5.40 -21.38 -0.03
CA VAL A 289 -5.17 -22.75 -0.44
C VAL A 289 -5.88 -23.02 -1.76
N GLN A 290 -7.12 -22.56 -1.90
CA GLN A 290 -7.85 -22.79 -3.14
C GLN A 290 -7.21 -22.03 -4.29
N SER A 291 -6.78 -20.81 -4.03
CA SER A 291 -6.14 -19.99 -5.07
C SER A 291 -4.85 -20.65 -5.56
N ALA A 292 -4.03 -21.13 -4.63
CA ALA A 292 -2.81 -21.83 -5.00
C ALA A 292 -3.11 -23.12 -5.75
N THR A 293 -4.18 -23.80 -5.37
CA THR A 293 -4.61 -25.00 -6.06
C THR A 293 -4.98 -24.69 -7.51
N ASP A 294 -5.77 -23.62 -7.70
CA ASP A 294 -6.16 -23.20 -9.05
C ASP A 294 -4.95 -22.90 -9.91
N LEU A 295 -3.98 -22.21 -9.33
CA LEU A 295 -2.83 -21.72 -10.09
C LEU A 295 -1.75 -22.77 -10.34
N TYR A 296 -1.54 -23.65 -9.37
CA TYR A 296 -0.36 -24.52 -9.37
C TYR A 296 -0.64 -26.01 -9.23
N GLY A 297 -1.87 -26.34 -8.84
CA GLY A 297 -2.26 -27.74 -8.69
C GLY A 297 -2.26 -28.20 -7.25
N SER A 298 -3.16 -29.13 -6.93
CA SER A 298 -3.33 -29.59 -5.56
C SER A 298 -2.08 -30.21 -4.93
N THR A 299 -1.24 -30.85 -5.76
CA THR A 299 -0.06 -31.53 -5.24
C THR A 299 1.19 -30.65 -5.26
N SER A 300 1.01 -29.37 -5.57
CA SER A 300 2.13 -28.47 -5.77
C SER A 300 2.83 -28.06 -4.48
N GLN A 301 4.10 -27.69 -4.60
CA GLN A 301 4.83 -27.06 -3.50
C GLN A 301 4.10 -25.80 -3.02
N GLU A 302 3.55 -25.05 -3.96
CA GLU A 302 2.90 -23.79 -3.61
C GLU A 302 1.74 -23.99 -2.61
N VAL A 303 0.90 -24.98 -2.88
CA VAL A 303 -0.19 -25.32 -1.97
C VAL A 303 0.36 -25.80 -0.61
N ALA A 304 1.37 -26.66 -0.63
CA ALA A 304 1.96 -27.14 0.61
C ALA A 304 2.53 -25.99 1.45
N SER A 305 3.16 -25.03 0.79
CA SER A 305 3.76 -23.90 1.48
C SER A 305 2.73 -22.95 2.08
N VAL A 306 1.61 -22.75 1.38
CA VAL A 306 0.52 -21.96 1.94
C VAL A 306 0.02 -22.60 3.24
N LYS A 307 -0.17 -23.92 3.22
CA LYS A 307 -0.63 -24.61 4.41
C LYS A 307 0.37 -24.51 5.55
N GLN A 308 1.66 -24.69 5.24
CA GLN A 308 2.71 -24.60 6.25
C GLN A 308 2.73 -23.21 6.89
N ALA A 309 2.59 -22.17 6.08
CA ALA A 309 2.66 -20.81 6.59
C ALA A 309 1.51 -20.50 7.54
N PHE A 310 0.29 -20.89 7.15
CA PHE A 310 -0.84 -20.67 8.04
C PHE A 310 -0.73 -21.55 9.30
N ASP A 311 -0.23 -22.78 9.17
CA ASP A 311 0.06 -23.59 10.34
C ASP A 311 1.01 -22.86 11.29
N ALA A 312 2.06 -22.26 10.72
CA ALA A 312 3.10 -21.62 11.52
C ALA A 312 2.55 -20.46 12.35
N VAL A 313 1.54 -19.77 11.82
CA VAL A 313 0.94 -18.66 12.57
C VAL A 313 -0.34 -19.07 13.30
N GLY A 314 -0.61 -20.37 13.37
CA GLY A 314 -1.69 -20.87 14.19
C GLY A 314 -3.09 -20.68 13.63
N VAL A 315 -3.19 -20.56 12.30
CA VAL A 315 -4.48 -20.38 11.66
C VAL A 315 -4.87 -21.65 10.91
N LYS A 316 -5.95 -22.30 11.34
CA LYS A 316 -6.42 -23.53 10.72
C LYS A 316 -7.67 -23.29 9.88
ZN ZN B . -4.49 0.57 5.87
CA CA C . 8.96 -0.98 3.00
CA CA D . 7.22 25.19 -10.30
CA CA E . 12.76 6.11 11.36
CA CA F . 12.30 0.21 1.67
C1 GOL G . -10.77 1.93 5.58
O1 GOL G . -10.59 0.68 4.94
C2 GOL G . -9.97 3.03 4.91
O2 GOL G . -10.39 3.16 3.58
C3 GOL G . -8.48 2.73 4.96
O3 GOL G . -7.72 3.84 4.51
S DMS H . -6.22 15.73 -21.46
O DMS H . -7.13 16.59 -22.28
C1 DMS H . -7.25 14.49 -20.65
C2 DMS H . -5.29 14.67 -22.59
C1 GOL I . -4.69 10.67 12.84
O1 GOL I . -4.56 9.27 12.77
C2 GOL I . -3.37 11.20 13.38
O2 GOL I . -3.15 10.69 14.68
C3 GOL I . -3.33 12.72 13.43
O3 GOL I . -1.98 13.09 13.56
S DMS J . -9.05 8.36 10.19
O DMS J . -9.43 9.21 11.35
C1 DMS J . -9.26 9.33 8.68
C2 DMS J . -7.25 8.22 10.16
S DMS K . 1.75 -20.69 20.17
O DMS K . 1.41 -21.56 21.35
C1 DMS K . 2.75 -19.30 20.77
C2 DMS K . 3.02 -21.56 19.22
S DMS L . -11.55 -6.59 -17.35
O DMS L . -12.99 -6.96 -17.24
C1 DMS L . -10.79 -7.64 -18.62
C2 DMS L . -11.44 -5.00 -18.21
C7 2G9 M . -10.35 4.66 8.71
C6 2G9 M . -11.31 5.18 7.62
C1 2G9 M . -11.07 6.39 6.97
C2 2G9 M . -11.95 6.86 5.99
C3 2G9 M . -13.07 6.10 5.64
C4 2G9 M . -13.31 4.89 6.29
C5 2G9 M . -12.43 4.43 7.27
C9 2G9 M . -7.99 4.55 8.23
C9 2G9 M . -7.99 4.34 8.36
O10 2G9 M . -7.96 5.78 8.26
O10 2G9 M . -7.75 4.61 9.52
O8 2G9 M . -9.21 4.02 8.13
O8 2G9 M . -9.25 3.91 8.16
N11 2G9 M . -6.92 3.82 7.86
N11 2G9 M . -6.99 4.24 7.44
C12 2G9 M . -5.61 4.43 7.85
P13 2G9 M . -4.57 3.44 6.72
O14 2G9 M . -4.46 2.02 7.21
O15 2G9 M . -5.11 3.54 5.34
N16 2G9 M . -3.00 4.23 6.89
C17 2G9 M . -1.85 3.38 7.17
C22 2G9 M . -1.77 2.96 8.63
O23 2G9 M . -1.26 1.88 8.95
C18 2G9 M . -0.62 4.25 6.84
C19 2G9 M . 0.75 3.55 6.97
C20 2G9 M . 0.92 2.53 5.82
C21 2G9 M . 1.90 4.57 6.96
N24 2G9 M . -2.27 3.84 9.54
C25 2G9 M . -2.24 3.57 10.97
C26 2G9 M . -0.87 3.93 11.61
C28 2G9 M . -0.91 3.68 13.14
C27 2G9 M . -0.46 5.39 11.28
C29 2G9 M . -1.34 2.24 13.55
#